data_2PL5
#
_entry.id   2PL5
#
_cell.length_a   61.124
_cell.length_b   61.124
_cell.length_c   215.143
_cell.angle_alpha   90.000
_cell.angle_beta   90.000
_cell.angle_gamma   90.000
#
_symmetry.space_group_name_H-M   'P 43 21 2'
#
loop_
_entity.id
_entity.type
_entity.pdbx_description
1 polymer 'Homoserine O-acetyltransferase'
2 non-polymer GLYCEROL
3 water water
#
_entity_poly.entity_id   1
_entity_poly.type   'polypeptide(L)'
_entity_poly.pdbx_seq_one_letter_code
;MNETGSIGIIETKYAEFKELILNNGSVLSPVVIAYETYGTLSSSKNNAILICHALSGDAHAAGYHSGSDKKPGWWDDYIG
PGKSFDTNQYFIICSNVIGGCKGSSGPLSIHPETSTPYGSRFPFVSIQDMVKAQKLLVESLGIEKLFCVAGGSMGGMQAL
EWSIAYPNSLSNCIVMASTAEHSAMQIAFNEVGRQAILSDPNWKNGLYDENSPRKGLALARMVGHITYLSDDKMREKFGR
NPPRGNILSTDFAVGSYLIYQGESFVDRFDANSYIYVTKALDHYSLGKGKELTAALSNATCRFLVVSYSSDWLYPPAQSR
EIVKSLEAADKRVFYVELQSGEGHDSFLLKNPKQIEILKGFLENPN
;
_entity_poly.pdbx_strand_id   A
#
loop_
_chem_comp.id
_chem_comp.type
_chem_comp.name
_chem_comp.formula
GOL non-polymer GLYCEROL 'C3 H8 O3'
#
# COMPACT_ATOMS: atom_id res chain seq x y z
N GLY A 5 -19.22 -15.45 -5.21
CA GLY A 5 -18.21 -14.40 -5.52
C GLY A 5 -17.67 -13.65 -4.30
N SER A 6 -18.56 -13.28 -3.37
CA SER A 6 -18.17 -12.52 -2.19
C SER A 6 -17.80 -13.43 -1.04
N ILE A 7 -16.69 -13.10 -0.39
CA ILE A 7 -16.18 -13.89 0.73
C ILE A 7 -17.04 -13.69 2.00
N GLY A 8 -17.80 -12.60 2.03
CA GLY A 8 -18.75 -12.36 3.12
C GLY A 8 -18.16 -11.58 4.29
N ILE A 9 -18.69 -11.86 5.48
CA ILE A 9 -18.33 -11.11 6.69
C ILE A 9 -17.01 -11.59 7.30
N ILE A 10 -16.11 -10.64 7.53
CA ILE A 10 -14.76 -10.93 7.99
C ILE A 10 -14.48 -10.15 9.27
N GLU A 11 -13.80 -10.80 10.21
CA GLU A 11 -13.31 -10.13 11.41
C GLU A 11 -11.85 -9.73 11.18
N THR A 12 -11.49 -8.53 11.63
CA THR A 12 -10.08 -8.14 11.76
C THR A 12 -9.49 -8.85 12.97
N LYS A 13 -8.35 -9.50 12.76
CA LYS A 13 -7.66 -10.19 13.84
C LYS A 13 -6.37 -9.46 14.23
N TYR A 14 -5.89 -9.73 15.44
CA TYR A 14 -4.73 -9.02 15.99
C TYR A 14 -3.69 -9.99 16.53
N ALA A 15 -2.55 -10.05 15.85
CA ALA A 15 -1.43 -10.85 16.31
C ALA A 15 -0.47 -9.97 17.10
N GLU A 16 -0.16 -10.37 18.33
CA GLU A 16 0.75 -9.60 19.16
C GLU A 16 2.01 -10.39 19.49
N PHE A 17 3.15 -9.72 19.37
CA PHE A 17 4.44 -10.32 19.61
C PHE A 17 5.22 -9.46 20.58
N LYS A 18 6.16 -10.08 21.28
CA LYS A 18 6.83 -9.43 22.40
C LYS A 18 7.54 -8.15 21.99
N GLU A 19 8.36 -8.24 20.95
CA GLU A 19 9.05 -7.06 20.43
C GLU A 19 9.41 -7.18 18.96
N LEU A 20 9.71 -6.03 18.35
CA LEU A 20 10.35 -6.00 17.04
C LEU A 20 11.42 -4.92 17.09
N ILE A 21 12.65 -5.35 16.87
CA ILE A 21 13.77 -4.43 16.83
C ILE A 21 13.83 -3.85 15.41
N LEU A 22 13.74 -2.52 15.34
CA LEU A 22 13.66 -1.85 14.06
C LEU A 22 15.05 -1.56 13.54
N ASN A 23 15.14 -1.31 12.23
CA ASN A 23 16.40 -1.09 11.56
C ASN A 23 17.13 0.16 12.06
N ASN A 24 16.38 1.15 12.56
CA ASN A 24 17.00 2.38 13.06
C ASN A 24 17.43 2.33 14.54
N GLY A 25 17.36 1.13 15.12
CA GLY A 25 17.74 0.92 16.52
C GLY A 25 16.59 0.91 17.54
N SER A 26 15.49 1.59 17.22
CA SER A 26 14.33 1.64 18.11
C SER A 26 13.64 0.28 18.20
N VAL A 27 12.86 0.08 19.26
CA VAL A 27 12.20 -1.18 19.53
C VAL A 27 10.71 -0.97 19.71
N LEU A 28 9.90 -1.79 19.03
CA LEU A 28 8.47 -1.86 19.29
C LEU A 28 8.19 -2.97 20.27
N SER A 29 7.66 -2.63 21.44
CA SER A 29 7.40 -3.62 22.47
C SER A 29 6.13 -3.29 23.22
N PRO A 30 5.03 -4.05 22.96
CA PRO A 30 4.91 -5.16 22.02
C PRO A 30 4.72 -4.71 20.55
N VAL A 31 4.69 -5.67 19.63
CA VAL A 31 4.28 -5.40 18.25
C VAL A 31 2.90 -5.98 18.01
N VAL A 32 2.00 -5.15 17.51
CA VAL A 32 0.66 -5.61 17.14
C VAL A 32 0.53 -5.54 15.61
N ILE A 33 -0.02 -6.59 15.03
CA ILE A 33 -0.29 -6.65 13.59
C ILE A 33 -1.75 -7.03 13.35
N ALA A 34 -2.54 -6.04 12.93
CA ALA A 34 -3.92 -6.27 12.50
C ALA A 34 -3.90 -6.91 11.11
N TYR A 35 -4.66 -7.98 10.96
CA TYR A 35 -4.69 -8.74 9.72
C TYR A 35 -6.08 -9.35 9.51
N GLU A 36 -6.35 -9.75 8.27
CA GLU A 36 -7.55 -10.49 7.92
C GLU A 36 -7.12 -11.66 7.04
N THR A 37 -7.85 -12.77 7.11
CA THR A 37 -7.55 -13.92 6.26
C THR A 37 -8.79 -14.33 5.47
N TYR A 38 -8.57 -14.86 4.27
CA TYR A 38 -9.66 -15.26 3.39
C TYR A 38 -9.34 -16.65 2.81
N GLY A 39 -10.25 -17.59 2.96
CA GLY A 39 -10.02 -18.96 2.51
C GLY A 39 -9.52 -19.84 3.64
N THR A 40 -8.97 -21.00 3.29
CA THR A 40 -8.61 -22.01 4.28
C THR A 40 -7.18 -22.46 4.04
N LEU A 41 -6.38 -22.46 5.10
CA LEU A 41 -4.97 -22.86 5.01
C LEU A 41 -4.90 -24.38 4.96
N SER A 42 -4.14 -24.88 3.99
N SER A 42 -4.15 -24.90 3.99
CA SER A 42 -3.91 -26.32 3.81
CA SER A 42 -3.99 -26.34 3.83
C SER A 42 -3.14 -26.88 4.99
C SER A 42 -3.13 -26.90 4.96
N SER A 43 -3.32 -28.18 5.25
CA SER A 43 -2.60 -28.88 6.31
C SER A 43 -1.10 -28.94 5.97
N SER A 44 -0.78 -28.82 4.68
CA SER A 44 0.60 -28.69 4.21
C SER A 44 1.16 -27.26 4.32
N LYS A 45 0.33 -26.31 4.74
CA LYS A 45 0.72 -24.88 4.96
C LYS A 45 1.31 -24.18 3.74
N ASN A 46 0.96 -24.65 2.54
CA ASN A 46 1.66 -24.25 1.32
C ASN A 46 0.82 -23.54 0.24
N ASN A 47 -0.41 -23.19 0.58
CA ASN A 47 -1.29 -22.47 -0.35
C ASN A 47 -1.56 -21.02 0.06
N ALA A 48 -0.65 -20.43 0.84
CA ALA A 48 -0.88 -19.11 1.42
C ALA A 48 -0.35 -17.96 0.56
N ILE A 49 -1.16 -16.91 0.44
CA ILE A 49 -0.76 -15.72 -0.30
C ILE A 49 -0.84 -14.47 0.58
N LEU A 50 0.25 -13.73 0.66
CA LEU A 50 0.26 -12.48 1.41
C LEU A 50 -0.03 -11.31 0.49
N ILE A 51 -1.10 -10.59 0.80
CA ILE A 51 -1.42 -9.33 0.10
C ILE A 51 -0.86 -8.16 0.89
N CYS A 52 -0.06 -7.32 0.23
CA CYS A 52 0.49 -6.12 0.84
C CYS A 52 -0.26 -4.87 0.34
N HIS A 53 -0.78 -4.05 1.27
CA HIS A 53 -1.59 -2.88 0.86
C HIS A 53 -0.80 -1.65 0.41
N ALA A 54 -1.53 -0.73 -0.22
CA ALA A 54 -1.00 0.52 -0.73
C ALA A 54 -1.26 1.64 0.28
N LEU A 55 -0.89 2.87 -0.06
CA LEU A 55 -0.96 3.99 0.87
C LEU A 55 -2.33 4.22 1.55
N SER A 56 -3.41 4.15 0.78
N SER A 56 -3.41 4.15 0.78
CA SER A 56 -4.76 4.34 1.32
CA SER A 56 -4.76 4.35 1.32
C SER A 56 -5.29 3.07 1.98
C SER A 56 -5.49 3.04 1.64
N GLY A 57 -4.77 1.91 1.56
CA GLY A 57 -5.32 0.61 1.94
C GLY A 57 -5.10 0.23 3.38
N ASP A 58 -5.51 -0.99 3.72
CA ASP A 58 -5.33 -1.55 5.07
C ASP A 58 -5.41 -3.08 5.03
N ALA A 59 -5.66 -3.71 6.18
CA ALA A 59 -5.82 -5.17 6.25
C ALA A 59 -7.13 -5.67 5.60
N HIS A 60 -8.13 -4.79 5.52
CA HIS A 60 -9.44 -5.16 4.97
C HIS A 60 -9.43 -5.15 3.45
N ALA A 61 -8.81 -6.17 2.87
CA ALA A 61 -8.65 -6.30 1.43
C ALA A 61 -9.86 -6.94 0.70
N ALA A 62 -10.77 -7.57 1.46
CA ALA A 62 -11.94 -8.25 0.87
C ALA A 62 -13.10 -8.39 1.84
N GLY A 63 -14.31 -8.57 1.30
CA GLY A 63 -15.50 -8.82 2.10
C GLY A 63 -16.00 -7.64 2.90
N TYR A 64 -16.82 -7.93 3.91
CA TYR A 64 -17.51 -6.91 4.72
C TYR A 64 -17.28 -7.13 6.20
N HIS A 65 -17.43 -6.07 6.98
CA HIS A 65 -17.34 -6.18 8.45
C HIS A 65 -18.72 -6.36 9.07
N SER A 66 -19.73 -5.76 8.44
CA SER A 66 -21.12 -5.87 8.86
C SER A 66 -22.05 -5.77 7.65
N GLY A 67 -23.30 -6.21 7.84
CA GLY A 67 -24.31 -6.16 6.78
C GLY A 67 -24.53 -4.75 6.23
N SER A 68 -24.40 -3.76 7.10
CA SER A 68 -24.62 -2.34 6.76
C SER A 68 -23.47 -1.66 6.01
N ASP A 69 -22.34 -2.35 5.85
CA ASP A 69 -21.20 -1.82 5.09
C ASP A 69 -21.65 -1.40 3.69
N LYS A 70 -21.08 -0.31 3.18
CA LYS A 70 -21.48 0.27 1.90
C LYS A 70 -20.49 -0.05 0.79
N LYS A 71 -19.32 -0.55 1.18
CA LYS A 71 -18.31 -0.97 0.23
C LYS A 71 -17.56 -2.16 0.82
N PRO A 72 -17.15 -3.12 -0.04
CA PRO A 72 -16.38 -4.26 0.46
C PRO A 72 -14.90 -3.88 0.71
N GLY A 73 -14.02 -4.87 0.81
CA GLY A 73 -12.59 -4.65 0.97
C GLY A 73 -11.96 -4.04 -0.26
N TRP A 74 -10.76 -3.46 -0.09
CA TRP A 74 -10.10 -2.66 -1.12
C TRP A 74 -9.67 -3.42 -2.38
N TRP A 75 -9.61 -4.75 -2.32
CA TRP A 75 -9.25 -5.55 -3.50
C TRP A 75 -10.26 -6.68 -3.69
N ASP A 76 -11.51 -6.40 -3.34
CA ASP A 76 -12.58 -7.39 -3.27
C ASP A 76 -12.92 -8.03 -4.61
N ASP A 77 -12.67 -7.32 -5.71
CA ASP A 77 -12.89 -7.89 -7.05
C ASP A 77 -11.81 -8.87 -7.42
N TYR A 78 -10.82 -9.02 -6.55
CA TYR A 78 -9.66 -9.88 -6.84
C TYR A 78 -9.46 -10.97 -5.81
N ILE A 79 -10.22 -10.91 -4.71
CA ILE A 79 -10.08 -11.86 -3.61
C ILE A 79 -11.45 -12.42 -3.26
N GLY A 80 -11.60 -13.73 -3.45
CA GLY A 80 -12.85 -14.42 -3.15
C GLY A 80 -13.03 -15.71 -3.93
N PRO A 81 -14.14 -16.44 -3.68
CA PRO A 81 -14.45 -17.69 -4.37
C PRO A 81 -14.55 -17.49 -5.88
N GLY A 82 -13.61 -18.05 -6.62
CA GLY A 82 -13.60 -17.93 -8.06
C GLY A 82 -12.79 -16.77 -8.59
N LYS A 83 -12.47 -15.81 -7.72
CA LYS A 83 -11.73 -14.61 -8.09
C LYS A 83 -10.23 -14.87 -8.25
N SER A 84 -9.47 -13.85 -8.63
CA SER A 84 -8.06 -14.01 -9.03
C SER A 84 -7.16 -14.57 -7.93
N PHE A 85 -7.39 -14.08 -6.70
CA PHE A 85 -6.83 -14.69 -5.49
C PHE A 85 -7.94 -15.55 -4.90
N ASP A 86 -7.99 -16.77 -5.42
CA ASP A 86 -9.10 -17.69 -5.22
C ASP A 86 -9.13 -18.25 -3.80
N THR A 87 -10.11 -17.84 -3.02
CA THR A 87 -10.23 -18.33 -1.65
C THR A 87 -10.79 -19.77 -1.59
N ASN A 88 -11.15 -20.30 -2.74
CA ASN A 88 -11.48 -21.74 -2.88
C ASN A 88 -10.23 -22.61 -2.93
N GLN A 89 -9.13 -22.04 -3.41
CA GLN A 89 -7.85 -22.76 -3.50
C GLN A 89 -6.82 -22.28 -2.49
N TYR A 90 -6.86 -20.99 -2.17
CA TYR A 90 -5.79 -20.35 -1.43
C TYR A 90 -6.20 -19.80 -0.08
N PHE A 91 -5.21 -19.60 0.76
CA PHE A 91 -5.37 -18.94 2.03
C PHE A 91 -4.77 -17.54 1.85
N ILE A 92 -5.64 -16.54 1.79
CA ILE A 92 -5.22 -15.18 1.47
C ILE A 92 -5.04 -14.38 2.76
N ILE A 93 -3.89 -13.72 2.89
CA ILE A 93 -3.61 -12.88 4.06
C ILE A 93 -3.37 -11.43 3.67
N CYS A 94 -3.90 -10.50 4.45
CA CYS A 94 -3.54 -9.10 4.30
C CYS A 94 -3.39 -8.45 5.67
N SER A 95 -2.32 -7.67 5.87
CA SER A 95 -2.08 -7.02 7.16
C SER A 95 -1.76 -5.53 7.03
N ASN A 96 -2.19 -4.76 8.02
CA ASN A 96 -1.89 -3.33 8.10
C ASN A 96 -0.41 -3.15 8.43
N VAL A 97 0.26 -2.29 7.69
CA VAL A 97 1.68 -2.02 7.94
C VAL A 97 1.87 -1.38 9.32
N ILE A 98 2.97 -1.71 9.98
CA ILE A 98 3.35 -1.03 11.21
C ILE A 98 3.68 0.40 10.78
N GLY A 99 3.35 1.37 11.62
CA GLY A 99 3.33 2.77 11.22
C GLY A 99 1.97 3.20 10.69
N GLY A 100 1.13 2.22 10.36
CA GLY A 100 -0.22 2.46 9.84
C GLY A 100 -1.17 2.92 10.93
N CYS A 101 -2.45 3.06 10.58
CA CYS A 101 -3.44 3.65 11.49
C CYS A 101 -4.73 2.83 11.56
N LYS A 102 -4.69 1.58 11.09
CA LYS A 102 -5.89 0.76 11.04
C LYS A 102 -5.73 -0.57 11.83
N GLY A 103 -4.98 -0.53 12.92
CA GLY A 103 -4.87 -1.68 13.81
C GLY A 103 -3.48 -2.18 14.19
N SER A 104 -2.48 -2.00 13.32
CA SER A 104 -1.12 -2.41 13.66
C SER A 104 -0.47 -1.34 14.53
N SER A 105 0.62 -1.72 15.20
CA SER A 105 1.48 -0.79 15.93
C SER A 105 1.76 0.45 15.08
N GLY A 106 1.34 1.60 15.61
CA GLY A 106 1.54 2.88 14.92
C GLY A 106 1.33 4.02 15.89
N PRO A 107 1.31 5.26 15.37
CA PRO A 107 1.20 6.45 16.21
C PRO A 107 -0.10 6.55 17.03
N LEU A 108 -1.14 5.83 16.62
CA LEU A 108 -2.38 5.82 17.38
C LEU A 108 -2.37 4.79 18.52
N SER A 109 -1.34 3.95 18.55
CA SER A 109 -1.16 3.01 19.64
C SER A 109 -1.07 3.77 20.96
N ILE A 110 -1.71 3.24 22.00
CA ILE A 110 -1.71 3.90 23.29
C ILE A 110 -0.35 3.76 24.00
N HIS A 111 0.18 4.89 24.46
CA HIS A 111 1.47 4.94 25.14
C HIS A 111 1.36 4.35 26.55
N PRO A 112 2.29 3.44 26.91
CA PRO A 112 2.24 2.79 28.24
C PRO A 112 2.44 3.73 29.45
N GLU A 113 2.84 4.99 29.24
CA GLU A 113 2.94 5.95 30.35
C GLU A 113 1.81 6.97 30.39
N THR A 114 1.55 7.63 29.27
CA THR A 114 0.60 8.74 29.23
C THR A 114 -0.83 8.30 28.95
N SER A 115 -0.99 7.03 28.58
CA SER A 115 -2.28 6.49 28.14
C SER A 115 -2.97 7.41 27.11
N THR A 116 -2.15 8.00 26.23
CA THR A 116 -2.59 8.72 25.05
C THR A 116 -1.88 8.09 23.85
N PRO A 117 -2.38 8.32 22.61
CA PRO A 117 -1.68 7.83 21.43
C PRO A 117 -0.22 8.28 21.39
N TYR A 118 0.68 7.35 21.06
CA TYR A 118 2.11 7.65 20.83
C TYR A 118 2.33 8.94 20.04
N GLY A 119 1.54 9.13 18.99
CA GLY A 119 1.74 10.26 18.10
C GLY A 119 3.15 10.27 17.57
N SER A 120 3.76 11.46 17.58
CA SER A 120 5.14 11.68 17.15
C SER A 120 6.22 10.97 17.99
N ARG A 121 5.81 10.27 19.05
CA ARG A 121 6.77 9.48 19.85
C ARG A 121 7.03 8.12 19.20
N PHE A 122 6.16 7.72 18.27
CA PHE A 122 6.34 6.44 17.58
C PHE A 122 7.63 6.49 16.76
N PRO A 123 8.42 5.40 16.77
CA PRO A 123 9.65 5.42 15.97
C PRO A 123 9.42 5.39 14.47
N PHE A 124 10.33 6.02 13.71
CA PHE A 124 10.37 5.87 12.27
C PHE A 124 10.51 4.40 11.91
N VAL A 125 9.71 3.98 10.94
CA VAL A 125 9.74 2.63 10.40
C VAL A 125 10.13 2.68 8.92
N SER A 126 10.68 1.57 8.44
CA SER A 126 11.09 1.43 7.07
C SER A 126 10.25 0.33 6.44
N ILE A 127 10.30 0.23 5.12
CA ILE A 127 9.69 -0.91 4.42
C ILE A 127 10.33 -2.25 4.86
N GLN A 128 11.64 -2.26 5.13
CA GLN A 128 12.26 -3.49 5.63
C GLN A 128 11.67 -3.94 6.98
N ASP A 129 11.40 -2.97 7.87
CA ASP A 129 10.70 -3.20 9.14
C ASP A 129 9.28 -3.73 8.93
N MET A 130 8.54 -3.11 8.02
CA MET A 130 7.16 -3.53 7.73
C MET A 130 7.12 -4.99 7.29
N VAL A 131 8.09 -5.39 6.50
CA VAL A 131 8.22 -6.76 6.00
C VAL A 131 8.71 -7.73 7.11
N LYS A 132 9.61 -7.28 7.98
CA LYS A 132 10.03 -8.07 9.15
CA LYS A 132 10.03 -8.09 9.14
C LYS A 132 8.83 -8.42 10.02
N ALA A 133 7.95 -7.43 10.20
CA ALA A 133 6.73 -7.59 10.99
C ALA A 133 5.75 -8.55 10.35
N GLN A 134 5.68 -8.53 9.01
CA GLN A 134 4.82 -9.43 8.25
C GLN A 134 5.36 -10.88 8.35
N LYS A 135 6.68 -11.03 8.35
CA LYS A 135 7.32 -12.31 8.55
C LYS A 135 6.89 -12.95 9.89
N LEU A 136 6.95 -12.17 10.97
CA LEU A 136 6.46 -12.59 12.29
C LEU A 136 5.04 -13.13 12.23
N LEU A 137 4.13 -12.33 11.64
CA LEU A 137 2.73 -12.73 11.46
C LEU A 137 2.60 -14.06 10.70
N VAL A 138 3.31 -14.18 9.59
CA VAL A 138 3.21 -15.34 8.71
C VAL A 138 3.70 -16.61 9.45
N GLU A 139 4.88 -16.53 10.07
CA GLU A 139 5.38 -17.60 10.96
C GLU A 139 4.33 -18.01 12.00
N SER A 140 3.72 -17.03 12.66
CA SER A 140 2.73 -17.28 13.71
C SER A 140 1.49 -18.05 13.22
N LEU A 141 1.18 -17.90 11.93
CA LEU A 141 0.04 -18.55 11.32
C LEU A 141 0.41 -19.97 10.88
N GLY A 142 1.67 -20.34 11.16
CA GLY A 142 2.21 -21.67 10.85
C GLY A 142 2.87 -21.82 9.48
N ILE A 143 3.14 -20.70 8.82
CA ILE A 143 3.63 -20.73 7.45
C ILE A 143 5.13 -20.48 7.38
N GLU A 144 5.85 -21.39 6.71
CA GLU A 144 7.28 -21.22 6.51
C GLU A 144 7.58 -20.64 5.11
N LYS A 145 6.84 -21.09 4.11
CA LYS A 145 7.02 -20.60 2.75
C LYS A 145 5.67 -20.23 2.13
N LEU A 146 5.49 -18.94 1.84
CA LEU A 146 4.28 -18.45 1.18
C LEU A 146 4.25 -18.90 -0.28
N PHE A 147 3.07 -19.21 -0.80
CA PHE A 147 2.92 -19.45 -2.23
C PHE A 147 3.24 -18.16 -3.02
N CYS A 148 2.63 -17.05 -2.59
CA CYS A 148 2.80 -15.76 -3.26
C CYS A 148 2.78 -14.57 -2.29
N VAL A 149 3.53 -13.53 -2.66
CA VAL A 149 3.36 -12.18 -2.09
C VAL A 149 2.97 -11.22 -3.23
N ALA A 150 1.84 -10.53 -3.06
CA ALA A 150 1.34 -9.62 -4.09
C ALA A 150 0.99 -8.24 -3.54
N GLY A 151 1.14 -7.23 -4.38
CA GLY A 151 0.67 -5.89 -4.06
C GLY A 151 0.93 -4.89 -5.15
N GLY A 152 0.22 -3.76 -5.09
CA GLY A 152 0.42 -2.68 -6.05
C GLY A 152 0.87 -1.38 -5.39
N SER A 153 1.69 -0.61 -6.11
CA SER A 153 2.14 0.70 -5.64
CA SER A 153 2.19 0.70 -5.65
C SER A 153 3.02 0.53 -4.38
N MET A 154 2.58 1.10 -3.26
CA MET A 154 3.26 0.89 -1.99
C MET A 154 3.34 -0.60 -1.65
N GLY A 155 2.26 -1.34 -1.95
CA GLY A 155 2.19 -2.79 -1.73
C GLY A 155 3.19 -3.61 -2.51
N GLY A 156 3.51 -3.13 -3.73
CA GLY A 156 4.51 -3.77 -4.58
C GLY A 156 5.93 -3.54 -4.08
N MET A 157 6.13 -2.46 -3.33
CA MET A 157 7.43 -2.17 -2.74
C MET A 157 7.73 -3.14 -1.57
N GLN A 158 6.70 -3.47 -0.80
CA GLN A 158 6.76 -4.49 0.27
C GLN A 158 7.01 -5.87 -0.35
N ALA A 159 6.27 -6.16 -1.42
CA ALA A 159 6.41 -7.42 -2.16
C ALA A 159 7.82 -7.59 -2.71
N LEU A 160 8.38 -6.53 -3.29
CA LEU A 160 9.80 -6.53 -3.71
C LEU A 160 10.76 -6.76 -2.54
N GLU A 161 10.55 -6.06 -1.42
CA GLU A 161 11.38 -6.24 -0.23
C GLU A 161 11.37 -7.70 0.25
N TRP A 162 10.20 -8.33 0.27
CA TRP A 162 10.04 -9.76 0.63
C TRP A 162 10.91 -10.68 -0.20
N SER A 163 10.95 -10.43 -1.51
CA SER A 163 11.61 -11.31 -2.46
C SER A 163 13.10 -11.38 -2.20
N ILE A 164 13.66 -10.33 -1.58
CA ILE A 164 15.09 -10.28 -1.25
C ILE A 164 15.42 -10.32 0.25
N ALA A 165 14.46 -9.98 1.11
CA ALA A 165 14.67 -10.00 2.56
C ALA A 165 14.58 -11.43 3.08
N TYR A 166 13.61 -12.17 2.55
CA TYR A 166 13.37 -13.57 2.90
C TYR A 166 13.22 -14.38 1.61
N PRO A 167 14.29 -14.47 0.81
CA PRO A 167 14.16 -14.95 -0.57
C PRO A 167 13.63 -16.38 -0.69
N ASN A 168 13.86 -17.20 0.33
CA ASN A 168 13.43 -18.60 0.33
C ASN A 168 12.10 -18.83 1.05
N SER A 169 11.44 -17.73 1.45
CA SER A 169 10.17 -17.80 2.16
C SER A 169 8.97 -17.48 1.28
N LEU A 170 9.19 -17.40 -0.03
CA LEU A 170 8.11 -17.23 -0.99
C LEU A 170 8.49 -17.89 -2.31
N SER A 171 7.48 -18.46 -2.99
CA SER A 171 7.73 -19.06 -4.31
C SER A 171 7.51 -18.06 -5.45
N ASN A 172 6.56 -17.15 -5.27
CA ASN A 172 6.17 -16.19 -6.31
C ASN A 172 6.10 -14.75 -5.75
N CYS A 173 6.25 -13.76 -6.63
CA CYS A 173 6.20 -12.34 -6.23
C CYS A 173 5.50 -11.50 -7.32
N ILE A 174 4.37 -10.89 -6.96
CA ILE A 174 3.62 -10.04 -7.88
C ILE A 174 3.78 -8.57 -7.52
N VAL A 175 4.48 -7.84 -8.38
CA VAL A 175 4.81 -6.42 -8.22
C VAL A 175 4.03 -5.57 -9.25
N MET A 176 2.94 -4.95 -8.81
CA MET A 176 2.05 -4.20 -9.70
C MET A 176 2.14 -2.68 -9.50
N ALA A 177 2.32 -1.93 -10.60
CA ALA A 177 2.39 -0.45 -10.59
C ALA A 177 3.32 0.07 -9.50
N SER A 178 4.57 -0.36 -9.53
CA SER A 178 5.45 -0.11 -8.41
C SER A 178 6.85 0.31 -8.84
N THR A 179 7.80 0.27 -7.90
CA THR A 179 9.13 0.79 -8.16
C THR A 179 10.13 0.31 -7.10
N ALA A 180 11.40 0.26 -7.48
CA ALA A 180 12.50 -0.09 -6.58
C ALA A 180 12.95 1.13 -5.77
N GLU A 181 12.55 2.32 -6.22
CA GLU A 181 12.80 3.57 -5.50
C GLU A 181 11.92 4.69 -6.04
N HIS A 182 11.45 5.56 -5.15
CA HIS A 182 10.63 6.71 -5.53
C HIS A 182 11.43 7.72 -6.35
N SER A 183 10.79 8.28 -7.38
CA SER A 183 11.36 9.40 -8.12
C SER A 183 11.28 10.68 -7.29
N ALA A 184 12.02 11.71 -7.69
CA ALA A 184 11.87 13.05 -7.09
C ALA A 184 10.42 13.52 -7.11
N MET A 185 9.71 13.19 -8.18
CA MET A 185 8.30 13.58 -8.34
C MET A 185 7.39 12.97 -7.26
N GLN A 186 7.54 11.67 -7.03
CA GLN A 186 6.80 10.95 -5.99
C GLN A 186 7.11 11.47 -4.58
N ILE A 187 8.38 11.70 -4.31
CA ILE A 187 8.84 12.25 -3.05
C ILE A 187 8.30 13.67 -2.85
N ALA A 188 8.28 14.47 -3.91
CA ALA A 188 7.77 15.84 -3.86
C ALA A 188 6.28 15.90 -3.45
N PHE A 189 5.44 15.05 -4.05
CA PHE A 189 4.03 14.99 -3.66
C PHE A 189 3.88 14.63 -2.17
N ASN A 190 4.67 13.69 -1.68
CA ASN A 190 4.62 13.28 -0.27
C ASN A 190 5.14 14.37 0.66
N GLU A 191 6.22 15.02 0.23
CA GLU A 191 6.81 16.11 0.99
C GLU A 191 5.83 17.29 1.16
N VAL A 192 5.14 17.67 0.09
CA VAL A 192 4.07 18.68 0.16
C VAL A 192 2.97 18.27 1.15
N GLY A 193 2.54 17.01 1.09
CA GLY A 193 1.55 16.49 2.04
C GLY A 193 2.03 16.56 3.48
N ARG A 194 3.28 16.16 3.71
CA ARG A 194 3.86 16.19 5.05
C ARG A 194 3.98 17.62 5.59
N GLN A 195 4.36 18.56 4.72
CA GLN A 195 4.48 19.96 5.09
CA GLN A 195 4.48 19.95 5.14
C GLN A 195 3.13 20.59 5.39
N ALA A 196 2.09 20.13 4.69
CA ALA A 196 0.72 20.59 4.94
C ALA A 196 0.27 20.23 6.35
N ILE A 197 0.64 19.04 6.80
CA ILE A 197 0.35 18.58 8.16
C ILE A 197 1.20 19.36 9.17
N LEU A 198 2.50 19.48 8.88
CA LEU A 198 3.43 20.16 9.78
C LEU A 198 3.08 21.61 10.05
N SER A 199 2.52 22.29 9.05
CA SER A 199 2.16 23.70 9.13
CA SER A 199 2.19 23.70 9.20
C SER A 199 0.72 23.94 9.60
N ASP A 200 -0.03 22.86 9.76
CA ASP A 200 -1.41 22.96 10.27
C ASP A 200 -1.32 23.42 11.74
N PRO A 201 -2.14 24.41 12.13
CA PRO A 201 -2.17 24.92 13.52
C PRO A 201 -2.45 23.87 14.60
N ASN A 202 -3.16 22.80 14.26
CA ASN A 202 -3.47 21.72 15.22
C ASN A 202 -2.41 20.62 15.35
N TRP A 203 -1.28 20.79 14.66
CA TRP A 203 -0.25 19.74 14.59
C TRP A 203 0.42 19.46 15.93
N LYS A 204 0.75 20.53 16.66
CA LYS A 204 1.20 20.44 18.05
C LYS A 204 2.36 19.47 18.22
N ASN A 205 3.38 19.62 17.37
CA ASN A 205 4.54 18.72 17.34
C ASN A 205 4.20 17.22 17.17
N GLY A 206 2.98 16.94 16.71
CA GLY A 206 2.48 15.58 16.53
C GLY A 206 1.81 14.98 17.75
N LEU A 207 1.75 15.76 18.84
CA LEU A 207 1.13 15.33 20.09
C LEU A 207 -0.28 15.87 20.24
N TYR A 208 -0.96 16.06 19.11
CA TYR A 208 -2.38 16.37 19.08
C TYR A 208 -3.16 15.18 19.62
N ASP A 209 -4.34 15.43 20.19
CA ASP A 209 -5.23 14.35 20.62
C ASP A 209 -6.69 14.78 20.56
N GLU A 210 -7.01 15.89 21.22
CA GLU A 210 -8.37 16.44 21.18
C GLU A 210 -8.75 16.97 19.79
N ASN A 211 -7.79 17.66 19.17
CA ASN A 211 -8.00 18.38 17.91
CA ASN A 211 -8.03 18.27 17.87
C ASN A 211 -6.87 18.09 16.90
N SER A 212 -7.09 17.17 15.97
CA SER A 212 -6.09 16.78 14.99
C SER A 212 -5.94 17.79 13.85
N PRO A 213 -4.80 17.76 13.13
CA PRO A 213 -4.63 18.58 11.93
C PRO A 213 -5.43 18.05 10.73
N ARG A 214 -6.75 18.14 10.85
CA ARG A 214 -7.69 17.65 9.83
C ARG A 214 -7.49 18.33 8.47
N LYS A 215 -7.28 19.64 8.50
CA LYS A 215 -7.04 20.41 7.27
C LYS A 215 -5.76 20.00 6.58
N GLY A 216 -4.66 19.92 7.33
CA GLY A 216 -3.37 19.51 6.77
C GLY A 216 -3.42 18.14 6.13
N LEU A 217 -4.05 17.19 6.83
CA LEU A 217 -4.16 15.82 6.34
C LEU A 217 -5.10 15.73 5.14
N ALA A 218 -6.15 16.54 5.14
CA ALA A 218 -7.07 16.63 4.00
C ALA A 218 -6.30 17.04 2.75
N LEU A 219 -5.46 18.05 2.90
CA LEU A 219 -4.56 18.47 1.84
C LEU A 219 -3.60 17.36 1.41
N ALA A 220 -2.95 16.71 2.39
CA ALA A 220 -2.02 15.61 2.14
C ALA A 220 -2.66 14.49 1.31
N ARG A 221 -3.92 14.19 1.62
CA ARG A 221 -4.64 13.08 0.99
C ARG A 221 -5.30 13.44 -0.33
N MET A 222 -5.63 14.73 -0.48
CA MET A 222 -6.25 15.24 -1.69
C MET A 222 -5.33 15.01 -2.87
N VAL A 223 -4.04 15.08 -2.59
CA VAL A 223 -3.00 14.77 -3.57
C VAL A 223 -3.29 13.45 -4.27
N GLY A 224 -3.66 12.42 -3.51
CA GLY A 224 -4.01 11.12 -4.08
C GLY A 224 -5.27 11.11 -4.93
N HIS A 225 -6.19 12.02 -4.64
CA HIS A 225 -7.41 12.16 -5.44
C HIS A 225 -7.18 12.97 -6.73
N ILE A 226 -6.39 14.04 -6.64
CA ILE A 226 -6.06 14.90 -7.79
C ILE A 226 -5.19 14.18 -8.80
N THR A 227 -4.22 13.42 -8.30
CA THR A 227 -3.32 12.65 -9.15
C THR A 227 -3.99 11.44 -9.83
N TYR A 228 -5.27 11.19 -9.53
CA TYR A 228 -5.99 10.01 -10.05
C TYR A 228 -6.36 10.10 -11.53
N LEU A 229 -6.40 11.32 -12.07
CA LEU A 229 -6.75 11.51 -13.47
C LEU A 229 -5.53 11.29 -14.37
N SER A 230 -5.73 10.58 -15.47
CA SER A 230 -4.67 10.38 -16.47
C SER A 230 -4.37 11.71 -17.18
N ASP A 231 -3.30 11.75 -17.97
CA ASP A 231 -2.97 12.93 -18.77
C ASP A 231 -4.15 13.38 -19.64
N ASP A 232 -4.82 12.42 -20.27
CA ASP A 232 -5.94 12.69 -21.17
C ASP A 232 -7.20 13.17 -20.45
N LYS A 233 -7.51 12.54 -19.31
CA LYS A 233 -8.71 12.90 -18.55
C LYS A 233 -8.56 14.22 -17.78
N MET A 234 -7.33 14.56 -17.44
CA MET A 234 -7.00 15.84 -16.80
C MET A 234 -7.09 16.98 -17.82
N ARG A 235 -6.60 16.73 -19.03
CA ARG A 235 -6.69 17.70 -20.12
C ARG A 235 -8.14 17.91 -20.57
N GLU A 236 -8.93 16.83 -20.53
CA GLU A 236 -10.35 16.90 -20.83
C GLU A 236 -11.05 17.81 -19.82
N LYS A 237 -10.74 17.63 -18.53
CA LYS A 237 -11.25 18.51 -17.49
C LYS A 237 -10.83 19.98 -17.67
N PHE A 238 -9.57 20.21 -18.06
CA PHE A 238 -9.05 21.58 -18.14
C PHE A 238 -9.24 22.27 -19.50
N GLY A 239 -9.35 21.49 -20.57
CA GLY A 239 -9.63 22.03 -21.90
C GLY A 239 -8.53 22.94 -22.42
N ARG A 240 -8.92 23.92 -23.23
CA ARG A 240 -7.96 24.83 -23.88
C ARG A 240 -8.16 26.28 -23.42
N ASN A 241 -9.09 26.49 -22.49
CA ASN A 241 -9.46 27.82 -22.00
C ASN A 241 -9.75 27.81 -20.50
N PRO A 242 -9.36 28.89 -19.79
CA PRO A 242 -9.73 29.07 -18.38
C PRO A 242 -11.20 29.48 -18.24
N PRO A 243 -11.75 29.53 -17.01
CA PRO A 243 -13.17 29.84 -16.84
C PRO A 243 -13.57 31.26 -17.24
N ARG A 244 -14.88 31.46 -17.45
CA ARG A 244 -15.45 32.79 -17.67
C ARG A 244 -15.51 33.48 -16.31
N GLY A 245 -15.57 34.81 -16.31
CA GLY A 245 -15.69 35.56 -15.07
C GLY A 245 -14.44 35.64 -14.21
N ASN A 246 -14.63 35.57 -12.89
CA ASN A 246 -13.56 35.72 -11.92
C ASN A 246 -13.63 34.65 -10.83
N ILE A 247 -12.72 34.71 -9.86
CA ILE A 247 -12.67 33.71 -8.78
C ILE A 247 -13.97 33.70 -7.95
N LEU A 248 -14.54 34.87 -7.72
CA LEU A 248 -15.81 35.01 -6.99
C LEU A 248 -17.03 34.50 -7.76
N SER A 249 -17.10 34.86 -9.05
CA SER A 249 -18.27 34.60 -9.90
C SER A 249 -18.48 33.13 -10.21
N THR A 250 -17.39 32.42 -10.49
CA THR A 250 -17.46 31.00 -10.81
C THR A 250 -17.67 30.16 -9.56
N ASP A 251 -17.81 30.84 -8.42
CA ASP A 251 -17.88 30.22 -7.10
C ASP A 251 -16.60 29.44 -6.81
N PHE A 252 -15.56 29.74 -7.59
CA PHE A 252 -14.21 29.20 -7.37
C PHE A 252 -13.71 29.62 -5.99
N ALA A 253 -14.19 30.77 -5.53
CA ALA A 253 -13.86 31.33 -4.21
C ALA A 253 -14.30 30.44 -3.05
N VAL A 254 -15.47 29.82 -3.19
CA VAL A 254 -16.03 28.94 -2.15
C VAL A 254 -15.60 27.49 -2.38
N GLY A 255 -14.29 27.27 -2.49
CA GLY A 255 -13.76 25.94 -2.80
C GLY A 255 -13.01 25.28 -1.66
N SER A 256 -13.14 25.82 -0.45
CA SER A 256 -12.44 25.27 0.70
C SER A 256 -12.74 23.80 0.89
N TYR A 257 -14.03 23.45 0.86
CA TYR A 257 -14.50 22.09 1.13
C TYR A 257 -13.91 21.03 0.19
N LEU A 258 -13.56 21.45 -1.03
CA LEU A 258 -13.02 20.55 -2.06
C LEU A 258 -11.70 19.88 -1.67
N ILE A 259 -11.15 20.28 -0.52
CA ILE A 259 -9.94 19.68 0.05
C ILE A 259 -10.17 18.22 0.51
N TYR A 260 -11.41 17.90 0.85
CA TYR A 260 -11.77 16.56 1.29
C TYR A 260 -12.12 15.66 0.11
N GLN A 261 -12.40 16.28 -1.04
CA GLN A 261 -12.61 15.55 -2.29
C GLN A 261 -13.75 14.52 -2.17
N GLY A 262 -14.91 14.98 -1.73
CA GLY A 262 -16.08 14.12 -1.61
C GLY A 262 -16.05 13.19 -0.41
N GLU A 263 -14.85 12.89 0.07
CA GLU A 263 -14.70 11.98 1.20
C GLU A 263 -15.08 12.62 2.53
N SER A 264 -15.62 11.79 3.43
CA SER A 264 -16.14 12.27 4.73
C SER A 264 -15.09 12.26 5.85
N PHE A 265 -15.49 12.77 7.01
CA PHE A 265 -14.64 12.82 8.20
C PHE A 265 -14.62 11.48 8.95
N VAL A 266 -15.51 10.57 8.55
CA VAL A 266 -15.68 9.28 9.24
C VAL A 266 -14.70 8.21 8.76
N ASP A 267 -14.55 8.07 7.45
CA ASP A 267 -13.45 7.28 6.87
C ASP A 267 -12.16 7.97 7.34
N ARG A 268 -11.60 7.44 8.43
CA ARG A 268 -10.58 8.16 9.19
C ARG A 268 -9.13 7.73 8.96
N PHE A 269 -8.29 8.74 8.82
CA PHE A 269 -6.86 8.56 8.64
C PHE A 269 -6.16 9.42 9.68
N ASP A 270 -4.86 9.22 9.82
CA ASP A 270 -4.11 9.90 10.85
C ASP A 270 -2.91 10.60 10.24
N ALA A 271 -2.66 11.83 10.69
CA ALA A 271 -1.58 12.68 10.15
C ALA A 271 -0.18 12.16 10.44
N ASN A 272 0.08 11.80 11.69
CA ASN A 272 1.33 11.13 12.04
C ASN A 272 1.58 9.89 11.15
N SER A 273 0.55 9.03 11.03
CA SER A 273 0.68 7.79 10.27
C SER A 273 1.04 8.07 8.80
N TYR A 274 0.36 9.06 8.21
CA TYR A 274 0.72 9.54 6.88
C TYR A 274 2.19 9.91 6.79
N ILE A 275 2.68 10.68 7.78
CA ILE A 275 4.10 11.02 7.81
C ILE A 275 4.98 9.76 7.92
N TYR A 276 4.64 8.87 8.84
CA TYR A 276 5.43 7.63 9.04
C TYR A 276 5.49 6.74 7.79
N VAL A 277 4.34 6.49 7.19
CA VAL A 277 4.27 5.59 6.03
C VAL A 277 4.91 6.18 4.78
N THR A 278 4.61 7.45 4.47
CA THR A 278 5.23 8.08 3.31
C THR A 278 6.74 8.27 3.49
N LYS A 279 7.20 8.47 4.71
CA LYS A 279 8.65 8.52 4.94
C LYS A 279 9.31 7.17 4.65
N ALA A 280 8.67 6.08 5.07
CA ALA A 280 9.16 4.74 4.73
C ALA A 280 9.25 4.56 3.21
N LEU A 281 8.21 4.98 2.47
CA LEU A 281 8.19 4.86 1.01
C LEU A 281 9.31 5.67 0.36
N ASP A 282 9.45 6.93 0.79
CA ASP A 282 10.42 7.85 0.22
C ASP A 282 11.88 7.49 0.49
N HIS A 283 12.13 6.89 1.65
CA HIS A 283 13.49 6.50 2.05
C HIS A 283 13.89 5.10 1.60
N TYR A 284 12.97 4.34 1.02
CA TYR A 284 13.30 3.01 0.49
C TYR A 284 13.96 3.12 -0.88
N SER A 285 15.14 2.53 -1.02
CA SER A 285 15.80 2.45 -2.33
C SER A 285 16.60 1.17 -2.53
N LEU A 286 16.20 0.39 -3.53
CA LEU A 286 17.04 -0.71 -4.00
C LEU A 286 17.94 -0.24 -5.14
N GLY A 287 17.69 0.98 -5.60
CA GLY A 287 18.53 1.63 -6.61
C GLY A 287 18.06 1.36 -8.00
N LYS A 288 18.97 1.51 -8.96
CA LYS A 288 18.69 1.20 -10.35
C LYS A 288 19.95 0.71 -11.04
N GLY A 289 19.80 0.16 -12.24
CA GLY A 289 20.93 -0.34 -13.03
C GLY A 289 21.68 -1.44 -12.31
N LYS A 290 23.00 -1.31 -12.27
CA LYS A 290 23.89 -2.29 -11.67
C LYS A 290 23.61 -2.52 -10.18
N GLU A 291 23.33 -1.44 -9.45
CA GLU A 291 23.05 -1.52 -8.02
C GLU A 291 21.75 -2.29 -7.73
N LEU A 292 20.73 -2.06 -8.55
CA LEU A 292 19.47 -2.79 -8.43
C LEU A 292 19.63 -4.27 -8.81
N THR A 293 20.44 -4.52 -9.83
CA THR A 293 20.75 -5.88 -10.25
C THR A 293 21.37 -6.64 -9.08
N ALA A 294 22.41 -6.05 -8.48
CA ALA A 294 23.10 -6.60 -7.32
C ALA A 294 22.15 -6.83 -6.13
N ALA A 295 21.27 -5.88 -5.86
CA ALA A 295 20.30 -5.99 -4.76
C ALA A 295 19.31 -7.13 -4.98
N LEU A 296 18.91 -7.35 -6.23
CA LEU A 296 17.87 -8.33 -6.55
C LEU A 296 18.41 -9.73 -6.83
N SER A 297 19.74 -9.88 -6.75
CA SER A 297 20.37 -11.16 -7.06
C SER A 297 20.14 -12.22 -5.96
N ASN A 298 19.75 -11.76 -4.78
CA ASN A 298 19.32 -12.60 -3.65
C ASN A 298 18.04 -13.39 -3.92
N ALA A 299 17.15 -12.83 -4.73
CA ALA A 299 15.84 -13.43 -4.98
C ALA A 299 15.96 -14.79 -5.66
N THR A 300 15.01 -15.66 -5.36
CA THR A 300 14.96 -17.02 -5.91
C THR A 300 13.58 -17.30 -6.49
N CYS A 301 12.60 -16.50 -6.06
CA CYS A 301 11.21 -16.67 -6.47
C CYS A 301 11.00 -16.30 -7.94
N ARG A 302 9.80 -16.60 -8.43
CA ARG A 302 9.34 -16.21 -9.76
C ARG A 302 8.67 -14.82 -9.65
N PHE A 303 8.84 -13.97 -10.65
CA PHE A 303 8.32 -12.60 -10.60
C PHE A 303 7.26 -12.30 -11.66
N LEU A 304 6.17 -11.66 -11.23
CA LEU A 304 5.24 -11.04 -12.17
C LEU A 304 5.21 -9.54 -11.94
N VAL A 305 5.59 -8.78 -12.96
CA VAL A 305 5.60 -7.32 -12.89
C VAL A 305 4.56 -6.78 -13.87
N VAL A 306 3.60 -6.03 -13.33
CA VAL A 306 2.53 -5.45 -14.11
C VAL A 306 2.50 -3.92 -13.97
N SER A 307 2.65 -3.21 -15.10
CA SER A 307 2.49 -1.75 -15.14
C SER A 307 1.24 -1.36 -15.93
N TYR A 308 0.90 -0.07 -15.89
CA TYR A 308 -0.34 0.44 -16.47
C TYR A 308 -0.07 1.64 -17.36
N SER A 309 -0.63 1.61 -18.57
CA SER A 309 -0.25 2.55 -19.64
C SER A 309 -0.48 4.02 -19.24
N SER A 310 -1.58 4.29 -18.55
CA SER A 310 -1.93 5.65 -18.14
C SER A 310 -1.43 6.08 -16.76
N ASP A 311 -0.82 5.14 -16.03
CA ASP A 311 -0.28 5.42 -14.71
C ASP A 311 0.96 6.28 -14.86
N TRP A 312 0.88 7.52 -14.40
CA TRP A 312 2.04 8.41 -14.44
C TRP A 312 2.67 8.61 -13.06
N LEU A 313 2.01 8.16 -12.01
CA LEU A 313 2.60 8.17 -10.67
C LEU A 313 3.72 7.12 -10.51
N TYR A 314 3.38 5.87 -10.84
CA TYR A 314 4.34 4.77 -10.90
C TYR A 314 4.37 4.26 -12.35
N PRO A 315 5.06 4.98 -13.25
CA PRO A 315 4.91 4.77 -14.70
C PRO A 315 5.63 3.50 -15.16
N PRO A 316 5.19 2.92 -16.30
CA PRO A 316 5.81 1.73 -16.86
C PRO A 316 7.34 1.70 -16.82
N ALA A 317 8.00 2.84 -16.97
CA ALA A 317 9.48 2.92 -16.90
C ALA A 317 10.09 2.46 -15.57
N GLN A 318 9.33 2.59 -14.49
CA GLN A 318 9.82 2.15 -13.16
C GLN A 318 9.76 0.62 -13.06
N SER A 319 8.67 0.06 -13.55
CA SER A 319 8.51 -1.39 -13.72
C SER A 319 9.56 -1.98 -14.66
N ARG A 320 9.84 -1.30 -15.77
CA ARG A 320 10.83 -1.77 -16.75
C ARG A 320 12.24 -1.87 -16.14
N GLU A 321 12.59 -0.92 -15.28
CA GLU A 321 13.88 -0.95 -14.59
C GLU A 321 14.02 -2.17 -13.67
N ILE A 322 12.91 -2.58 -13.07
CA ILE A 322 12.87 -3.78 -12.23
C ILE A 322 13.08 -5.03 -13.09
N VAL A 323 12.29 -5.15 -14.16
CA VAL A 323 12.37 -6.28 -15.10
C VAL A 323 13.74 -6.38 -15.79
N LYS A 324 14.35 -5.24 -16.06
CA LYS A 324 15.69 -5.19 -16.66
C LYS A 324 16.75 -5.73 -15.69
N SER A 325 16.66 -5.32 -14.43
CA SER A 325 17.58 -5.79 -13.40
C SER A 325 17.32 -7.24 -13.00
N LEU A 326 16.07 -7.69 -13.10
CA LEU A 326 15.70 -9.09 -12.84
C LEU A 326 16.11 -10.05 -13.96
N GLU A 327 16.34 -9.50 -15.15
CA GLU A 327 16.88 -10.27 -16.26
C GLU A 327 18.40 -10.27 -16.21
N ALA A 328 18.98 -9.13 -15.84
CA ALA A 328 20.43 -9.04 -15.63
C ALA A 328 20.91 -9.91 -14.45
N ALA A 329 19.98 -10.30 -13.59
CA ALA A 329 20.29 -11.16 -12.44
C ALA A 329 19.93 -12.62 -12.69
N ASP A 330 19.39 -12.92 -13.87
CA ASP A 330 19.06 -14.29 -14.29
C ASP A 330 17.90 -14.90 -13.48
N LYS A 331 16.85 -14.11 -13.29
CA LYS A 331 15.71 -14.53 -12.47
C LYS A 331 14.47 -14.75 -13.32
N ARG A 332 13.56 -15.61 -12.83
CA ARG A 332 12.31 -15.87 -13.52
C ARG A 332 11.41 -14.64 -13.41
N VAL A 333 11.14 -14.00 -14.55
CA VAL A 333 10.36 -12.76 -14.56
C VAL A 333 9.49 -12.62 -15.80
N PHE A 334 8.20 -12.34 -15.59
CA PHE A 334 7.28 -11.95 -16.66
C PHE A 334 6.88 -10.48 -16.50
N TYR A 335 6.75 -9.78 -17.62
CA TYR A 335 6.36 -8.36 -17.63
C TYR A 335 5.20 -8.05 -18.59
N VAL A 336 4.10 -7.55 -18.03
CA VAL A 336 2.93 -7.14 -18.80
C VAL A 336 2.61 -5.66 -18.52
N GLU A 337 2.55 -4.85 -19.57
CA GLU A 337 2.00 -3.51 -19.47
C GLU A 337 0.55 -3.56 -19.89
N LEU A 338 -0.34 -3.32 -18.95
CA LEU A 338 -1.76 -3.31 -19.23
C LEU A 338 -2.23 -1.91 -19.65
N GLN A 339 -3.17 -1.87 -20.58
CA GLN A 339 -3.79 -0.63 -21.01
C GLN A 339 -4.72 -0.16 -19.90
N SER A 340 -4.67 1.13 -19.58
CA SER A 340 -5.44 1.68 -18.48
C SER A 340 -5.88 3.10 -18.79
N GLY A 341 -6.89 3.58 -18.06
CA GLY A 341 -7.38 4.94 -18.23
C GLY A 341 -7.32 5.79 -16.98
N GLU A 342 -6.54 5.36 -15.98
CA GLU A 342 -6.45 6.08 -14.70
C GLU A 342 -5.04 6.56 -14.35
N GLY A 343 -4.97 7.50 -13.41
CA GLY A 343 -3.71 8.14 -13.02
C GLY A 343 -2.74 7.35 -12.13
N HIS A 344 -3.24 6.34 -11.43
N HIS A 344 -3.25 6.36 -11.38
CA HIS A 344 -2.40 5.43 -10.63
CA HIS A 344 -2.40 5.55 -10.48
C HIS A 344 -3.07 4.14 -10.13
C HIS A 344 -3.00 4.27 -9.88
N ASP A 345 -4.32 4.20 -9.71
CA ASP A 345 -4.84 3.05 -8.98
CA ASP A 345 -4.89 3.08 -8.97
C ASP A 345 -5.66 2.06 -9.82
N SER A 346 -5.16 1.83 -11.05
CA SER A 346 -5.78 0.91 -12.00
C SER A 346 -5.67 -0.54 -11.59
N PHE A 347 -4.64 -0.87 -10.79
CA PHE A 347 -4.46 -2.24 -10.29
C PHE A 347 -5.61 -2.66 -9.37
N LEU A 348 -6.36 -1.68 -8.88
CA LEU A 348 -7.48 -1.93 -7.96
C LEU A 348 -8.77 -2.30 -8.66
N LEU A 349 -8.92 -1.86 -9.90
CA LEU A 349 -10.18 -1.99 -10.62
C LEU A 349 -10.28 -3.33 -11.35
N LYS A 350 -11.47 -3.93 -11.29
CA LYS A 350 -11.76 -5.14 -12.07
C LYS A 350 -11.43 -4.91 -13.53
N ASN A 351 -10.64 -5.83 -14.09
CA ASN A 351 -10.20 -5.74 -15.47
C ASN A 351 -9.95 -7.16 -15.98
N PRO A 352 -10.76 -7.62 -16.96
CA PRO A 352 -10.64 -8.96 -17.52
C PRO A 352 -9.20 -9.39 -17.80
N LYS A 353 -8.41 -8.48 -18.37
CA LYS A 353 -7.03 -8.81 -18.74
C LYS A 353 -6.09 -8.90 -17.53
N GLN A 354 -6.44 -8.23 -16.44
CA GLN A 354 -5.68 -8.34 -15.18
C GLN A 354 -6.00 -9.67 -14.52
N ILE A 355 -7.30 -9.95 -14.38
CA ILE A 355 -7.79 -11.23 -13.88
C ILE A 355 -7.08 -12.41 -14.57
N GLU A 356 -7.03 -12.36 -15.89
CA GLU A 356 -6.46 -13.43 -16.71
C GLU A 356 -4.97 -13.64 -16.46
N ILE A 357 -4.19 -12.56 -16.45
CA ILE A 357 -2.75 -12.66 -16.20
C ILE A 357 -2.41 -13.14 -14.78
N LEU A 358 -3.25 -12.76 -13.81
CA LEU A 358 -3.09 -13.20 -12.40
C LEU A 358 -3.42 -14.69 -12.22
N LYS A 359 -4.61 -15.10 -12.67
CA LYS A 359 -5.04 -16.51 -12.57
C LYS A 359 -4.09 -17.46 -13.28
N GLY A 360 -3.58 -17.05 -14.44
CA GLY A 360 -2.67 -17.86 -15.21
C GLY A 360 -1.28 -17.95 -14.61
N PHE A 361 -0.84 -16.88 -13.97
CA PHE A 361 0.47 -16.85 -13.30
C PHE A 361 0.48 -17.80 -12.10
N LEU A 362 -0.59 -17.74 -11.30
CA LEU A 362 -0.70 -18.55 -10.11
C LEU A 362 -0.99 -20.03 -10.44
N GLU A 363 -1.61 -20.25 -11.59
CA GLU A 363 -2.00 -21.60 -12.04
C GLU A 363 -0.86 -22.36 -12.74
N ASN A 364 -0.03 -21.63 -13.49
CA ASN A 364 1.06 -22.21 -14.26
C ASN A 364 2.43 -21.81 -13.69
N PRO A 365 3.14 -22.76 -13.03
CA PRO A 365 4.38 -22.48 -12.31
C PRO A 365 5.62 -22.23 -13.19
N ASN A 366 5.45 -22.35 -14.51
CA ASN A 366 6.53 -22.07 -15.45
C ASN A 366 6.67 -20.57 -15.73
C1 GOL B . -4.39 1.79 15.94
O1 GOL B . -4.39 1.11 17.17
C2 GOL B . -3.05 1.55 15.27
O2 GOL B . -3.21 1.45 13.88
C3 GOL B . -2.00 2.61 15.64
O3 GOL B . -1.70 3.50 14.57
C1 GOL C . 5.21 1.01 20.31
O1 GOL C . 6.56 0.73 20.57
C2 GOL C . 4.42 -0.27 20.07
O2 GOL C . 4.36 -1.02 21.27
C3 GOL C . 3.00 0.07 19.64
O3 GOL C . 2.26 -1.12 19.47
#